data_4S1B
#
_entry.id   4S1B
#
_cell.length_a   124.286
_cell.length_b   124.286
_cell.length_c   58.019
_cell.angle_alpha   90.000
_cell.angle_beta   90.000
_cell.angle_gamma   120.000
#
_symmetry.space_group_name_H-M   'P 61'
#
loop_
_entity.id
_entity.type
_entity.pdbx_description
1 polymer 'Lmo1466 protein'
2 non-polymer 'FE (III) ION'
3 non-polymer "(2R,3R,3aS,5R,7aR,9R,10R,10aS,12R,14aR)-2,9-bis(6-amino-9H-purin-9-yl)octahydro-2H,7H-difuro[3,2-d:3',2'-j][1,3,7,9,2,8 ]tetraoxadiphosphacyclododecine-3,5,10,12-tetrol 5,12-dioxide"
4 water water
#
_entity_poly.entity_id   1
_entity_poly.type   'polypeptide(L)'
_entity_poly.pdbx_seq_one_letter_code
;ANPNHPLLKKILMKAPGTYHHSMMVANLAEACADKIGANSLLVRVGCFYHDIGKTLRPPYFVENQLQGINPHDRLTPEQS
RDIILSHTKDGAEILKENHMPQPIIDIALQHHGTTLLKYFYFKAKETNPDVKEADYRYSGPKPQTKEIAIINISDSVEAA
VRSSTEPTMAKITEIIDGIIKDRFLDGQFTECDITIQEIKIIRDTLIATLNGIYHQRIQYPD
;
_entity_poly.pdbx_strand_id   A,D
#
loop_
_chem_comp.id
_chem_comp.type
_chem_comp.name
_chem_comp.formula
2BA non-polymer '(2R,3R,3aS,5R,7aR,9R,10R,10aS,12R,14aR)-2,9-bis(6-amino-9H-purin-9-yl)octahydro-2H,7H-difuro[3,2-d:3',2'-j][1,3,7,9,2,8 ]tetraoxadiphosphacyclododecine-3,5,10,12-tetrol 5,12-dioxide' 'C20 H24 N10 O12 P2'
FE non-polymer 'FE (III) ION' 'Fe 3'
#
# COMPACT_ATOMS: atom_id res chain seq x y z
N HIS A 5 -27.11 24.39 2.26
CA HIS A 5 -26.60 23.55 1.18
C HIS A 5 -27.09 22.11 1.32
N PRO A 6 -28.27 21.83 0.75
CA PRO A 6 -28.88 20.51 0.90
C PRO A 6 -28.07 19.40 0.21
N LEU A 7 -27.42 19.71 -0.90
CA LEU A 7 -26.73 18.68 -1.66
C LEU A 7 -25.52 18.16 -0.89
N LEU A 8 -24.74 19.09 -0.35
CA LEU A 8 -23.52 18.70 0.34
C LEU A 8 -23.84 17.86 1.57
N LYS A 9 -24.97 18.16 2.23
CA LYS A 9 -25.36 17.37 3.39
C LYS A 9 -25.91 16.01 2.97
N LYS A 10 -26.52 15.95 1.79
CA LYS A 10 -26.92 14.66 1.22
C LYS A 10 -25.71 13.71 1.05
N ILE A 11 -24.59 14.22 0.55
CA ILE A 11 -23.38 13.40 0.47
C ILE A 11 -22.93 12.98 1.88
N LEU A 12 -22.89 13.94 2.81
CA LEU A 12 -22.48 13.68 4.20
C LEU A 12 -23.29 12.55 4.84
N MET A 13 -24.61 12.62 4.72
CA MET A 13 -25.48 11.65 5.38
C MET A 13 -25.57 10.31 4.65
N LYS A 14 -25.59 10.34 3.32
CA LYS A 14 -25.73 9.11 2.50
C LYS A 14 -24.40 8.43 2.26
N ALA A 15 -23.31 9.20 2.23
CA ALA A 15 -22.04 8.65 1.81
C ALA A 15 -20.88 9.34 2.53
N PRO A 16 -20.76 9.13 3.87
CA PRO A 16 -19.80 9.95 4.62
C PRO A 16 -18.34 9.68 4.22
N GLY A 17 -18.02 8.48 3.76
CA GLY A 17 -16.67 8.18 3.30
C GLY A 17 -16.34 9.03 2.08
N THR A 18 -17.31 9.12 1.16
CA THR A 18 -17.19 9.94 -0.05
C THR A 18 -17.07 11.40 0.30
N TYR A 19 -17.89 11.85 1.24
CA TYR A 19 -17.83 13.21 1.74
C TYR A 19 -16.43 13.54 2.23
N HIS A 20 -15.90 12.66 3.07
CA HIS A 20 -14.60 12.91 3.66
C HIS A 20 -13.56 12.99 2.55
N HIS A 21 -13.63 12.03 1.62
CA HIS A 21 -12.70 11.98 0.49
C HIS A 21 -12.74 13.29 -0.30
N SER A 22 -13.93 13.80 -0.59
CA SER A 22 -14.08 15.01 -1.41
C SER A 22 -13.49 16.27 -0.75
N MET A 23 -13.68 16.43 0.56
CA MET A 23 -13.05 17.54 1.28
C MET A 23 -11.53 17.44 1.19
N MET A 24 -10.99 16.23 1.29
CA MET A 24 -9.54 16.06 1.18
C MET A 24 -9.04 16.37 -0.25
N VAL A 25 -9.77 15.92 -1.26
CA VAL A 25 -9.43 16.27 -2.64
C VAL A 25 -9.46 17.79 -2.86
N ALA A 26 -10.48 18.45 -2.31
CA ALA A 26 -10.64 19.89 -2.40
C ALA A 26 -9.42 20.63 -1.90
N ASN A 27 -8.92 20.22 -0.74
CA ASN A 27 -7.74 20.87 -0.22
C ASN A 27 -6.52 20.70 -1.15
N LEU A 28 -6.29 19.48 -1.66
CA LEU A 28 -5.13 19.26 -2.54
C LEU A 28 -5.25 20.02 -3.87
N ALA A 29 -6.42 19.92 -4.48
CA ALA A 29 -6.64 20.53 -5.79
C ALA A 29 -6.59 22.06 -5.71
N GLU A 30 -7.14 22.63 -4.62
CA GLU A 30 -7.11 24.08 -4.42
C GLU A 30 -5.67 24.60 -4.36
N ALA A 31 -4.83 23.92 -3.57
CA ALA A 31 -3.42 24.24 -3.48
C ALA A 31 -2.77 24.31 -4.87
N CYS A 32 -3.07 23.32 -5.70
CA CYS A 32 -2.49 23.26 -7.04
C CYS A 32 -2.99 24.41 -7.90
N ALA A 33 -4.31 24.65 -7.86
CA ALA A 33 -4.91 25.71 -8.65
C ALA A 33 -4.28 27.05 -8.26
N ASP A 34 -4.16 27.29 -6.95
CA ASP A 34 -3.47 28.49 -6.46
C ASP A 34 -2.09 28.66 -7.07
N LYS A 35 -1.34 27.58 -7.10
CA LYS A 35 0.06 27.66 -7.49
C LYS A 35 0.29 27.97 -8.96
N ILE A 36 -0.63 27.58 -9.84
CA ILE A 36 -0.46 27.88 -11.27
C ILE A 36 -1.38 29.00 -11.73
N GLY A 37 -2.06 29.65 -10.80
CA GLY A 37 -2.91 30.77 -11.13
C GLY A 37 -4.26 30.41 -11.72
N ALA A 38 -4.75 29.21 -11.45
CA ALA A 38 -6.06 28.82 -12.02
C ALA A 38 -7.21 29.25 -11.10
N ASN A 39 -8.43 28.84 -11.43
CA ASN A 39 -9.60 29.25 -10.64
C ASN A 39 -9.77 28.39 -9.37
N SER A 40 -9.06 28.78 -8.32
CA SER A 40 -8.97 27.95 -7.15
C SER A 40 -10.27 27.85 -6.39
N LEU A 41 -11.07 28.91 -6.42
CA LEU A 41 -12.38 28.86 -5.76
C LEU A 41 -13.30 27.86 -6.48
N LEU A 42 -13.32 27.90 -7.80
CA LEU A 42 -14.08 26.93 -8.61
C LEU A 42 -13.62 25.47 -8.36
N VAL A 43 -12.31 25.30 -8.29
CA VAL A 43 -11.75 23.98 -8.03
C VAL A 43 -12.17 23.49 -6.64
N ARG A 44 -12.07 24.35 -5.64
CA ARG A 44 -12.43 23.95 -4.27
C ARG A 44 -13.88 23.45 -4.24
N VAL A 45 -14.80 24.26 -4.74
CA VAL A 45 -16.23 23.97 -4.67
C VAL A 45 -16.62 22.80 -5.57
N GLY A 46 -16.02 22.73 -6.75
CA GLY A 46 -16.29 21.63 -7.66
C GLY A 46 -15.85 20.30 -7.06
N CYS A 47 -14.79 20.32 -6.27
CA CYS A 47 -14.37 19.10 -5.59
C CYS A 47 -15.38 18.63 -4.54
N PHE A 48 -16.01 19.58 -3.84
CA PHE A 48 -17.09 19.25 -2.91
C PHE A 48 -18.10 18.32 -3.55
N TYR A 49 -18.41 18.58 -4.82
CA TYR A 49 -19.53 17.91 -5.48
C TYR A 49 -19.13 16.82 -6.47
N HIS A 50 -17.83 16.66 -6.74
CA HIS A 50 -17.40 15.86 -7.90
C HIS A 50 -17.92 14.42 -7.87
N ASP A 51 -18.01 13.84 -6.68
CA ASP A 51 -18.44 12.44 -6.54
C ASP A 51 -19.89 12.26 -6.07
N ILE A 52 -20.73 13.27 -6.23
CA ILE A 52 -22.11 13.21 -5.71
C ILE A 52 -22.94 12.08 -6.37
N GLY A 53 -22.57 11.69 -7.58
CA GLY A 53 -23.19 10.53 -8.21
C GLY A 53 -23.11 9.28 -7.37
N LYS A 54 -22.15 9.20 -6.44
CA LYS A 54 -22.03 8.01 -5.60
C LYS A 54 -23.18 7.89 -4.57
N THR A 55 -23.95 8.94 -4.40
CA THR A 55 -25.02 8.89 -3.39
C THR A 55 -26.15 7.94 -3.79
N LEU A 56 -26.21 7.57 -5.06
CA LEU A 56 -27.22 6.62 -5.56
C LEU A 56 -27.02 5.20 -5.05
N ARG A 57 -25.77 4.74 -5.00
CA ARG A 57 -25.44 3.42 -4.45
C ARG A 57 -24.19 3.49 -3.58
N PRO A 58 -24.28 4.15 -2.41
CA PRO A 58 -23.09 4.38 -1.59
C PRO A 58 -22.22 3.15 -1.27
N PRO A 59 -22.82 2.00 -0.85
CA PRO A 59 -21.93 0.88 -0.44
C PRO A 59 -21.13 0.23 -1.56
N TYR A 60 -21.43 0.55 -2.83
CA TYR A 60 -20.66 -0.01 -3.95
C TYR A 60 -19.42 0.82 -4.28
N PHE A 61 -19.09 1.79 -3.42
CA PHE A 61 -17.84 2.54 -3.54
C PHE A 61 -17.06 2.35 -2.25
N VAL A 62 -15.79 1.94 -2.41
CA VAL A 62 -15.03 1.34 -1.33
C VAL A 62 -14.92 2.22 -0.07
N GLU A 63 -14.89 3.53 -0.25
CA GLU A 63 -14.67 4.42 0.90
C GLU A 63 -15.90 4.46 1.84
N ASN A 64 -17.05 3.98 1.35
CA ASN A 64 -18.28 3.91 2.15
C ASN A 64 -18.56 2.52 2.75
N GLN A 65 -17.66 1.56 2.55
CA GLN A 65 -17.93 0.19 2.96
C GLN A 65 -17.59 -0.09 4.43
N ILE A 69 -16.64 -5.59 4.18
CA ILE A 69 -17.81 -6.08 3.45
C ILE A 69 -17.93 -5.41 2.09
N ASN A 70 -17.67 -6.16 1.03
CA ASN A 70 -17.71 -5.62 -0.33
C ASN A 70 -18.80 -6.29 -1.17
N PRO A 71 -19.85 -5.53 -1.52
CA PRO A 71 -20.97 -6.08 -2.28
C PRO A 71 -20.60 -6.40 -3.73
N HIS A 72 -19.40 -6.04 -4.16
CA HIS A 72 -18.91 -6.36 -5.50
C HIS A 72 -18.54 -7.83 -5.59
N ASP A 73 -18.35 -8.47 -4.44
CA ASP A 73 -18.02 -9.88 -4.42
C ASP A 73 -19.17 -10.69 -5.01
N ARG A 74 -20.39 -10.17 -4.90
CA ARG A 74 -21.55 -10.87 -5.42
C ARG A 74 -21.94 -10.34 -6.81
N LEU A 75 -21.01 -9.64 -7.47
CA LEU A 75 -21.28 -9.03 -8.78
C LEU A 75 -20.30 -9.49 -9.86
N THR A 76 -20.75 -9.49 -11.10
CA THR A 76 -19.85 -9.68 -12.24
C THR A 76 -19.10 -8.38 -12.54
N PRO A 77 -17.92 -8.49 -13.17
CA PRO A 77 -17.20 -7.31 -13.65
C PRO A 77 -18.10 -6.35 -14.41
N GLU A 78 -18.96 -6.89 -15.27
CA GLU A 78 -19.89 -6.08 -16.04
C GLU A 78 -20.84 -5.30 -15.12
N GLN A 79 -21.33 -5.96 -14.09
CA GLN A 79 -22.25 -5.31 -13.15
C GLN A 79 -21.52 -4.24 -12.32
N SER A 80 -20.35 -4.58 -11.81
CA SER A 80 -19.55 -3.63 -11.07
C SER A 80 -19.30 -2.38 -11.91
N ARG A 81 -18.94 -2.64 -13.17
CA ARG A 81 -18.63 -1.62 -14.16
C ARG A 81 -19.78 -0.66 -14.39
N ASP A 82 -20.99 -1.22 -14.52
CA ASP A 82 -22.17 -0.41 -14.80
C ASP A 82 -22.45 0.55 -13.63
N ILE A 83 -22.19 0.08 -12.41
CA ILE A 83 -22.43 0.90 -11.24
C ILE A 83 -21.40 2.04 -11.13
N ILE A 84 -20.13 1.69 -11.22
CA ILE A 84 -19.06 2.66 -11.00
C ILE A 84 -18.96 3.67 -12.15
N LEU A 85 -19.05 3.21 -13.40
CA LEU A 85 -18.92 4.13 -14.54
C LEU A 85 -20.08 5.13 -14.61
N SER A 86 -21.19 4.79 -13.96
CA SER A 86 -22.35 5.69 -13.92
C SER A 86 -22.19 6.95 -13.07
N HIS A 87 -21.24 6.93 -12.12
CA HIS A 87 -21.26 7.93 -11.07
C HIS A 87 -20.87 9.32 -11.60
N THR A 88 -20.15 9.38 -12.72
CA THR A 88 -19.87 10.68 -13.33
C THR A 88 -21.15 11.23 -14.00
N LYS A 89 -21.81 10.39 -14.79
CA LYS A 89 -23.05 10.77 -15.48
C LYS A 89 -24.15 11.11 -14.49
N ASP A 90 -24.30 10.28 -13.47
CA ASP A 90 -25.35 10.49 -12.49
C ASP A 90 -25.10 11.77 -11.69
N GLY A 91 -23.84 12.00 -11.36
CA GLY A 91 -23.47 13.18 -10.60
C GLY A 91 -23.82 14.45 -11.36
N ALA A 92 -23.45 14.48 -12.64
CA ALA A 92 -23.78 15.63 -13.47
C ALA A 92 -25.30 15.82 -13.56
N GLU A 93 -26.03 14.71 -13.70
CA GLU A 93 -27.50 14.74 -13.78
C GLU A 93 -28.12 15.36 -12.52
N ILE A 94 -27.68 14.89 -11.35
CA ILE A 94 -28.10 15.45 -10.07
C ILE A 94 -27.85 16.94 -9.96
N LEU A 95 -26.68 17.38 -10.39
CA LEU A 95 -26.33 18.78 -10.23
C LEU A 95 -27.13 19.63 -11.21
N LYS A 96 -27.36 19.07 -12.39
CA LYS A 96 -28.19 19.69 -13.42
C LYS A 96 -29.62 19.93 -12.88
N GLU A 97 -30.23 18.87 -12.39
CA GLU A 97 -31.58 18.93 -11.85
C GLU A 97 -31.66 19.91 -10.69
N ASN A 98 -30.55 20.09 -10.00
CA ASN A 98 -30.50 21.02 -8.89
C ASN A 98 -30.04 22.41 -9.32
N HIS A 99 -29.99 22.62 -10.63
CA HIS A 99 -29.63 23.91 -11.22
C HIS A 99 -28.30 24.49 -10.75
N MET A 100 -27.30 23.63 -10.58
CA MET A 100 -25.97 24.11 -10.18
C MET A 100 -25.27 24.76 -11.37
N PRO A 101 -24.27 25.61 -11.10
CA PRO A 101 -23.57 26.26 -12.21
C PRO A 101 -22.95 25.24 -13.18
N GLN A 102 -22.93 25.55 -14.48
CA GLN A 102 -22.43 24.58 -15.47
C GLN A 102 -21.01 24.06 -15.19
N PRO A 103 -20.07 24.95 -14.78
CA PRO A 103 -18.74 24.38 -14.57
C PRO A 103 -18.68 23.38 -13.41
N ILE A 104 -19.61 23.44 -12.46
CA ILE A 104 -19.66 22.45 -11.40
C ILE A 104 -20.15 21.11 -11.96
N ILE A 105 -21.15 21.19 -12.83
CA ILE A 105 -21.67 20.04 -13.56
C ILE A 105 -20.61 19.37 -14.43
N ASP A 106 -19.78 20.18 -15.08
CA ASP A 106 -18.74 19.63 -15.97
C ASP A 106 -17.70 18.85 -15.18
N ILE A 107 -17.31 19.38 -14.02
CA ILE A 107 -16.38 18.71 -13.12
C ILE A 107 -16.90 17.33 -12.73
N ALA A 108 -18.16 17.23 -12.32
CA ALA A 108 -18.75 15.94 -12.02
C ALA A 108 -18.67 14.95 -13.20
N LEU A 109 -18.90 15.45 -14.40
CA LEU A 109 -18.91 14.58 -15.58
C LEU A 109 -17.52 14.20 -16.07
N GLN A 110 -16.60 15.15 -16.03
CA GLN A 110 -15.29 15.00 -16.68
C GLN A 110 -14.13 14.60 -15.76
N HIS A 111 -14.39 14.43 -14.45
CA HIS A 111 -13.24 14.35 -13.52
C HIS A 111 -12.46 13.03 -13.68
N HIS A 112 -13.04 12.02 -14.32
CA HIS A 112 -12.27 10.83 -14.68
C HIS A 112 -11.84 10.84 -16.15
N GLY A 113 -12.11 11.94 -16.86
CA GLY A 113 -11.92 11.97 -18.31
C GLY A 113 -12.52 10.73 -18.98
N THR A 114 -11.72 10.04 -19.78
CA THR A 114 -12.14 8.76 -20.34
C THR A 114 -11.27 7.62 -19.83
N THR A 115 -10.81 7.73 -18.58
CA THR A 115 -9.88 6.72 -18.06
C THR A 115 -10.49 5.34 -17.95
N LEU A 116 -9.61 4.36 -17.92
CA LEU A 116 -9.97 2.96 -17.79
C LEU A 116 -10.24 2.56 -16.35
N LEU A 117 -11.33 1.86 -16.11
CA LEU A 117 -11.62 1.31 -14.80
C LEU A 117 -10.83 0.03 -14.70
N LYS A 118 -9.58 0.16 -14.26
CA LYS A 118 -8.58 -0.89 -14.40
C LYS A 118 -8.94 -2.15 -13.65
N TYR A 119 -9.34 -2.03 -12.39
CA TYR A 119 -9.53 -3.22 -11.59
C TYR A 119 -10.51 -4.19 -12.25
N PHE A 120 -11.69 -3.68 -12.57
CA PHE A 120 -12.72 -4.54 -13.09
C PHE A 120 -12.47 -4.88 -14.57
N TYR A 121 -11.75 -4.01 -15.29
CA TYR A 121 -11.33 -4.36 -16.65
C TYR A 121 -10.50 -5.63 -16.65
N PHE A 122 -9.49 -5.68 -15.79
CA PHE A 122 -8.60 -6.84 -15.74
C PHE A 122 -9.30 -8.06 -15.12
N LYS A 123 -10.26 -7.83 -14.23
CA LYS A 123 -11.05 -8.94 -13.69
C LYS A 123 -11.88 -9.61 -14.80
N ALA A 124 -12.40 -8.81 -15.72
CA ALA A 124 -13.16 -9.36 -16.85
C ALA A 124 -12.22 -10.03 -17.85
N LYS A 125 -11.02 -9.48 -18.00
CA LYS A 125 -10.07 -9.99 -18.99
C LYS A 125 -9.59 -11.37 -18.60
N GLU A 126 -9.80 -11.74 -17.34
CA GLU A 126 -9.44 -13.06 -16.83
C GLU A 126 -10.17 -14.18 -17.58
N THR A 127 -11.41 -13.91 -17.97
CA THR A 127 -12.24 -14.91 -18.61
C THR A 127 -12.63 -14.52 -20.02
N ASN A 128 -12.22 -13.33 -20.45
CA ASN A 128 -12.32 -12.95 -21.85
C ASN A 128 -11.13 -12.10 -22.29
N PRO A 129 -10.15 -12.76 -22.94
CA PRO A 129 -8.94 -12.08 -23.39
C PRO A 129 -9.23 -10.99 -24.43
N ASP A 130 -10.44 -11.01 -24.97
CA ASP A 130 -10.82 -10.04 -25.99
C ASP A 130 -11.61 -8.83 -25.46
N VAL A 131 -11.78 -8.71 -24.14
CA VAL A 131 -12.51 -7.56 -23.57
C VAL A 131 -11.93 -6.25 -24.12
N LYS A 132 -12.80 -5.35 -24.55
CA LYS A 132 -12.34 -4.07 -25.05
C LYS A 132 -12.20 -3.05 -23.92
N GLU A 133 -11.12 -2.30 -23.94
CA GLU A 133 -10.92 -1.21 -22.99
C GLU A 133 -12.08 -0.22 -23.04
N ALA A 134 -12.57 0.02 -24.25
CA ALA A 134 -13.69 0.91 -24.51
C ALA A 134 -14.86 0.62 -23.60
N ASP A 135 -15.11 -0.66 -23.32
CA ASP A 135 -16.24 -1.03 -22.47
C ASP A 135 -16.00 -0.73 -20.98
N TYR A 136 -14.78 -0.32 -20.62
CA TYR A 136 -14.48 -0.07 -19.21
C TYR A 136 -13.94 1.33 -18.95
N ARG A 137 -14.16 2.22 -19.91
CA ARG A 137 -13.73 3.60 -19.80
C ARG A 137 -14.92 4.52 -19.51
N TYR A 138 -14.69 5.57 -18.73
CA TYR A 138 -15.72 6.57 -18.53
C TYR A 138 -16.06 7.21 -19.87
N SER A 139 -17.26 7.78 -19.98
CA SER A 139 -17.73 8.40 -21.19
C SER A 139 -17.09 9.75 -21.43
N GLY A 140 -16.52 10.34 -20.39
CA GLY A 140 -15.88 11.62 -20.57
C GLY A 140 -16.95 12.71 -20.62
N PRO A 141 -16.64 13.84 -21.27
CA PRO A 141 -15.42 14.13 -22.02
C PRO A 141 -14.13 14.17 -21.19
N LYS A 142 -12.99 14.17 -21.90
CA LYS A 142 -11.70 14.44 -21.33
C LYS A 142 -11.73 15.83 -20.76
N PRO A 143 -10.98 16.06 -19.70
CA PRO A 143 -11.00 17.38 -19.06
C PRO A 143 -10.81 18.52 -20.06
N GLN A 144 -11.74 19.47 -20.05
CA GLN A 144 -11.75 20.52 -21.06
C GLN A 144 -11.05 21.77 -20.56
N THR A 145 -10.64 21.77 -19.29
CA THR A 145 -9.95 22.93 -18.72
C THR A 145 -8.81 22.49 -17.81
N LYS A 146 -7.89 23.42 -17.51
CA LYS A 146 -6.81 23.17 -16.55
C LYS A 146 -7.35 22.78 -15.18
N GLU A 147 -8.37 23.53 -14.72
CA GLU A 147 -9.03 23.27 -13.43
C GLU A 147 -9.47 21.82 -13.32
N ILE A 148 -10.05 21.31 -14.40
CA ILE A 148 -10.54 19.93 -14.38
C ILE A 148 -9.38 18.93 -14.48
N ALA A 149 -8.33 19.25 -15.24
CA ALA A 149 -7.14 18.38 -15.24
C ALA A 149 -6.56 18.28 -13.82
N ILE A 150 -6.46 19.43 -13.15
CA ILE A 150 -6.01 19.48 -11.78
C ILE A 150 -6.83 18.56 -10.87
N ILE A 151 -8.16 18.66 -10.97
CA ILE A 151 -9.01 17.80 -10.17
C ILE A 151 -8.78 16.33 -10.48
N ASN A 152 -8.64 16.00 -11.76
CA ASN A 152 -8.47 14.61 -12.11
C ASN A 152 -7.25 14.02 -11.43
N ILE A 153 -6.16 14.77 -11.40
CA ILE A 153 -4.92 14.25 -10.83
C ILE A 153 -5.02 14.16 -9.31
N SER A 154 -5.46 15.27 -8.71
CA SER A 154 -5.56 15.40 -7.25
C SER A 154 -6.45 14.30 -6.66
N ASP A 155 -7.54 13.99 -7.37
CA ASP A 155 -8.51 12.97 -6.95
C ASP A 155 -7.82 11.60 -6.90
N SER A 156 -7.04 11.31 -7.94
CA SER A 156 -6.34 10.03 -8.02
C SER A 156 -5.22 9.94 -6.98
N VAL A 157 -4.47 11.03 -6.81
CA VAL A 157 -3.40 11.07 -5.83
C VAL A 157 -3.92 10.90 -4.39
N GLU A 158 -4.97 11.63 -4.04
CA GLU A 158 -5.61 11.50 -2.74
C GLU A 158 -5.94 10.03 -2.45
N ALA A 159 -6.59 9.36 -3.41
CA ALA A 159 -7.10 8.01 -3.18
C ALA A 159 -5.94 7.03 -3.14
N ALA A 160 -4.94 7.26 -3.99
CA ALA A 160 -3.82 6.33 -4.10
C ALA A 160 -2.97 6.39 -2.85
N VAL A 161 -2.71 7.59 -2.36
CA VAL A 161 -1.86 7.75 -1.18
C VAL A 161 -2.61 7.25 0.06
N ARG A 162 -3.90 7.52 0.12
CA ARG A 162 -4.73 7.09 1.23
C ARG A 162 -4.78 5.55 1.35
N SER A 163 -4.71 4.84 0.22
CA SER A 163 -4.72 3.38 0.30
C SER A 163 -3.31 2.78 0.34
N SER A 164 -2.27 3.62 0.32
CA SER A 164 -0.90 3.09 0.38
C SER A 164 -0.56 2.65 1.81
N THR A 165 0.47 1.81 1.96
CA THR A 165 0.81 1.24 3.27
C THR A 165 1.66 2.13 4.18
N GLU A 166 2.74 2.66 3.63
CA GLU A 166 3.67 3.51 4.35
C GLU A 166 4.11 4.63 3.43
N PRO A 167 3.25 5.65 3.29
CA PRO A 167 3.50 6.76 2.37
C PRO A 167 4.58 7.72 2.88
N THR A 168 5.85 7.32 2.78
CA THR A 168 6.98 8.20 2.94
C THR A 168 7.01 9.22 1.80
N MET A 169 7.82 10.26 1.93
CA MET A 169 8.06 11.20 0.82
C MET A 169 8.39 10.53 -0.50
N ALA A 170 9.36 9.62 -0.49
CA ALA A 170 9.74 8.94 -1.72
C ALA A 170 8.54 8.18 -2.27
N LYS A 171 7.81 7.51 -1.39
CA LYS A 171 6.64 6.73 -1.80
C LYS A 171 5.58 7.66 -2.41
N ILE A 172 5.32 8.76 -1.72
CA ILE A 172 4.35 9.73 -2.21
C ILE A 172 4.77 10.25 -3.58
N THR A 173 6.05 10.57 -3.72
CA THR A 173 6.58 11.06 -4.98
C THR A 173 6.39 10.03 -6.10
N GLU A 174 6.69 8.77 -5.83
CA GLU A 174 6.52 7.71 -6.84
C GLU A 174 5.05 7.50 -7.23
N ILE A 175 4.14 7.56 -6.25
CA ILE A 175 2.71 7.47 -6.56
C ILE A 175 2.25 8.59 -7.49
N ILE A 176 2.66 9.81 -7.17
CA ILE A 176 2.25 10.94 -7.98
C ILE A 176 2.81 10.83 -9.43
N ASP A 177 4.10 10.58 -9.54
CA ASP A 177 4.75 10.47 -10.85
C ASP A 177 4.10 9.37 -11.70
N GLY A 178 3.70 8.28 -11.07
CA GLY A 178 3.07 7.18 -11.76
C GLY A 178 1.70 7.55 -12.32
N ILE A 179 0.94 8.32 -11.55
CA ILE A 179 -0.38 8.76 -12.01
C ILE A 179 -0.25 9.76 -13.18
N ILE A 180 0.66 10.71 -13.03
CA ILE A 180 0.89 11.71 -14.07
C ILE A 180 1.40 11.04 -15.36
N LYS A 181 2.27 10.04 -15.21
CA LYS A 181 2.73 9.25 -16.36
C LYS A 181 1.56 8.57 -17.08
N ASP A 182 0.72 7.87 -16.32
CA ASP A 182 -0.43 7.18 -16.90
C ASP A 182 -1.40 8.16 -17.63
N ARG A 183 -1.69 9.29 -17.02
CA ARG A 183 -2.58 10.27 -17.64
C ARG A 183 -1.98 10.90 -18.93
N PHE A 184 -0.68 11.13 -18.94
CA PHE A 184 0.00 11.63 -20.14
C PHE A 184 -0.06 10.59 -21.26
N LEU A 185 0.37 9.38 -20.95
CA LEU A 185 0.41 8.29 -21.92
C LEU A 185 -0.98 7.97 -22.45
N ASP A 186 -1.99 8.16 -21.62
CA ASP A 186 -3.35 7.78 -22.03
C ASP A 186 -4.05 8.94 -22.74
N GLY A 187 -3.33 10.04 -22.91
CA GLY A 187 -3.84 11.18 -23.65
C GLY A 187 -4.97 11.96 -23.00
N GLN A 188 -5.06 11.92 -21.66
CA GLN A 188 -6.22 12.48 -20.98
C GLN A 188 -6.21 14.01 -20.94
N PHE A 189 -5.05 14.63 -21.15
CA PHE A 189 -4.99 16.08 -21.11
C PHE A 189 -4.83 16.80 -22.47
N THR A 190 -5.08 16.11 -23.58
CA THR A 190 -4.85 16.70 -24.91
C THR A 190 -5.94 17.69 -25.33
N GLU A 191 -7.02 17.78 -24.56
CA GLU A 191 -8.13 18.61 -24.94
C GLU A 191 -8.23 19.84 -24.06
N CYS A 192 -7.22 20.08 -23.25
CA CYS A 192 -7.18 21.34 -22.53
C CYS A 192 -5.85 22.02 -22.76
N ASP A 193 -5.69 23.17 -22.12
CA ASP A 193 -4.57 24.08 -22.30
C ASP A 193 -3.43 23.92 -21.26
N ILE A 194 -3.44 22.85 -20.47
CA ILE A 194 -2.44 22.70 -19.40
C ILE A 194 -1.04 22.48 -19.99
N THR A 195 -0.05 23.16 -19.41
CA THR A 195 1.34 23.04 -19.90
C THR A 195 2.13 22.02 -19.10
N ILE A 196 3.19 21.52 -19.71
CA ILE A 196 4.04 20.53 -19.06
C ILE A 196 4.68 21.14 -17.83
N GLN A 197 5.03 22.42 -17.91
CA GLN A 197 5.56 23.11 -16.74
C GLN A 197 4.52 23.19 -15.61
N GLU A 198 3.28 23.49 -15.97
CA GLU A 198 2.19 23.51 -15.00
C GLU A 198 2.03 22.14 -14.35
N ILE A 199 2.09 21.06 -15.13
CA ILE A 199 2.06 19.71 -14.56
C ILE A 199 3.20 19.46 -13.57
N LYS A 200 4.38 19.98 -13.85
CA LYS A 200 5.50 19.88 -12.93
C LYS A 200 5.20 20.67 -11.63
N ILE A 201 4.59 21.84 -11.77
CA ILE A 201 4.25 22.66 -10.61
C ILE A 201 3.15 21.96 -9.76
N ILE A 202 2.17 21.39 -10.44
CA ILE A 202 1.15 20.58 -9.77
C ILE A 202 1.79 19.40 -9.01
N ARG A 203 2.71 18.72 -9.67
CA ARG A 203 3.38 17.59 -9.05
C ARG A 203 4.13 17.99 -7.78
N ASP A 204 4.95 19.04 -7.85
CA ASP A 204 5.71 19.48 -6.68
C ASP A 204 4.78 20.02 -5.59
N THR A 205 3.70 20.68 -6.00
CA THR A 205 2.73 21.19 -5.02
C THR A 205 2.01 20.06 -4.25
N LEU A 206 1.65 19.00 -4.97
CA LEU A 206 1.02 17.85 -4.32
C LEU A 206 2.03 17.20 -3.39
N ILE A 207 3.29 17.12 -3.80
CA ILE A 207 4.32 16.56 -2.94
C ILE A 207 4.49 17.38 -1.67
N ALA A 208 4.59 18.70 -1.81
CA ALA A 208 4.78 19.55 -0.63
C ALA A 208 3.56 19.48 0.28
N THR A 209 2.39 19.45 -0.33
CA THR A 209 1.15 19.51 0.44
C THR A 209 0.94 18.22 1.18
N LEU A 210 1.17 17.10 0.51
CA LEU A 210 1.06 15.80 1.18
C LEU A 210 2.14 15.59 2.24
N ASN A 211 3.31 16.19 2.04
CA ASN A 211 4.35 16.20 3.06
C ASN A 211 3.84 16.87 4.34
N GLY A 212 3.21 18.03 4.17
CA GLY A 212 2.54 18.71 5.28
C GLY A 212 1.54 17.80 5.97
N ILE A 213 0.64 17.20 5.19
CA ILE A 213 -0.47 16.44 5.72
C ILE A 213 -0.05 15.15 6.41
N TYR A 214 0.90 14.43 5.82
CA TYR A 214 1.27 13.11 6.34
C TYR A 214 2.45 13.15 7.30
N HIS A 215 3.28 14.17 7.22
CA HIS A 215 4.52 14.13 8.01
C HIS A 215 4.91 15.37 8.84
N GLN A 216 4.21 16.49 8.71
CA GLN A 216 4.70 17.68 9.40
C GLN A 216 4.26 17.66 10.86
N ARG A 217 5.23 17.87 11.76
CA ARG A 217 4.94 18.05 13.18
C ARG A 217 4.17 19.35 13.36
N ILE A 218 3.03 19.30 14.04
CA ILE A 218 2.23 20.50 14.27
C ILE A 218 2.74 21.20 15.54
N GLN A 219 3.33 22.39 15.37
CA GLN A 219 4.14 23.01 16.41
C GLN A 219 3.98 24.52 16.41
N TYR A 220 4.16 25.14 17.57
CA TYR A 220 4.17 26.60 17.64
C TYR A 220 5.42 27.20 16.98
N ALA B 1 -0.41 -39.05 4.32
CA ALA B 1 -0.11 -38.56 5.65
C ALA B 1 0.45 -37.15 5.57
N ASN B 2 0.45 -36.46 6.70
CA ASN B 2 0.88 -35.06 6.73
C ASN B 2 2.23 -34.93 7.42
N PRO B 3 3.27 -34.53 6.66
CA PRO B 3 4.62 -34.35 7.20
C PRO B 3 4.70 -33.18 8.17
N ASN B 4 3.77 -32.25 8.07
CA ASN B 4 3.84 -31.02 8.87
C ASN B 4 2.86 -31.01 10.05
N HIS B 5 3.20 -30.23 11.05
CA HIS B 5 2.33 -30.03 12.19
C HIS B 5 1.00 -29.47 11.70
N PRO B 6 -0.10 -29.81 12.40
CA PRO B 6 -1.43 -29.25 12.09
C PRO B 6 -1.44 -27.70 12.03
N LEU B 7 -0.52 -27.04 12.73
CA LEU B 7 -0.49 -25.58 12.75
C LEU B 7 -0.30 -25.01 11.36
N LEU B 8 0.47 -25.71 10.52
CA LEU B 8 0.77 -25.17 9.20
C LEU B 8 -0.49 -24.87 8.39
N LYS B 9 -1.43 -25.80 8.40
CA LYS B 9 -2.66 -25.58 7.62
C LYS B 9 -3.48 -24.42 8.21
N LYS B 10 -3.37 -24.24 9.53
CA LYS B 10 -4.06 -23.12 10.16
C LYS B 10 -3.53 -21.78 9.65
N ILE B 11 -2.23 -21.67 9.43
CA ILE B 11 -1.69 -20.44 8.84
C ILE B 11 -2.30 -20.21 7.47
N LEU B 12 -2.30 -21.24 6.65
CA LEU B 12 -2.87 -21.17 5.31
C LEU B 12 -4.33 -20.72 5.35
N MET B 13 -5.10 -21.26 6.28
CA MET B 13 -6.52 -20.93 6.39
C MET B 13 -6.77 -19.54 6.98
N LYS B 14 -6.03 -19.16 8.01
CA LYS B 14 -6.32 -17.92 8.72
C LYS B 14 -5.62 -16.71 8.12
N ALA B 15 -4.47 -16.96 7.52
CA ALA B 15 -3.58 -15.91 7.09
C ALA B 15 -2.89 -16.31 5.77
N PRO B 16 -3.67 -16.48 4.68
CA PRO B 16 -3.07 -16.96 3.42
C PRO B 16 -1.94 -16.07 2.91
N GLY B 17 -2.06 -14.76 3.11
CA GLY B 17 -1.01 -13.84 2.66
C GLY B 17 0.29 -14.12 3.40
N THR B 18 0.20 -14.26 4.71
CA THR B 18 1.37 -14.63 5.50
C THR B 18 1.93 -16.00 5.04
N TYR B 19 1.03 -16.91 4.71
CA TYR B 19 1.44 -18.26 4.24
C TYR B 19 2.28 -18.13 2.96
N HIS B 20 1.77 -17.34 2.02
CA HIS B 20 2.44 -17.18 0.74
C HIS B 20 3.81 -16.51 0.94
N HIS B 21 3.79 -15.46 1.75
CA HIS B 21 5.01 -14.75 2.15
C HIS B 21 6.03 -15.73 2.71
N SER B 22 5.57 -16.59 3.62
CA SER B 22 6.46 -17.55 4.28
C SER B 22 7.05 -18.61 3.33
N MET B 23 6.24 -19.06 2.35
CA MET B 23 6.72 -20.01 1.34
C MET B 23 7.78 -19.36 0.47
N MET B 24 7.58 -18.10 0.12
CA MET B 24 8.57 -17.39 -0.68
C MET B 24 9.87 -17.16 0.13
N VAL B 25 9.75 -16.79 1.40
CA VAL B 25 10.95 -16.64 2.22
C VAL B 25 11.64 -18.00 2.33
N ALA B 26 10.87 -19.07 2.49
CA ALA B 26 11.46 -20.40 2.62
C ALA B 26 12.34 -20.71 1.39
N ASN B 27 11.85 -20.35 0.22
CA ASN B 27 12.59 -20.62 -1.01
C ASN B 27 13.84 -19.78 -1.11
N LEU B 28 13.75 -18.49 -0.80
CA LEU B 28 14.92 -17.62 -0.80
C LEU B 28 15.96 -18.04 0.22
N ALA B 29 15.50 -18.29 1.44
CA ALA B 29 16.41 -18.64 2.55
C ALA B 29 17.07 -20.03 2.33
N GLU B 30 16.30 -20.98 1.79
CA GLU B 30 16.85 -22.31 1.49
C GLU B 30 17.99 -22.24 0.45
N ALA B 31 17.81 -21.44 -0.59
CA ALA B 31 18.86 -21.29 -1.61
C ALA B 31 20.14 -20.73 -0.96
N CYS B 32 19.97 -19.77 -0.04
CA CYS B 32 21.09 -19.14 0.61
C CYS B 32 21.81 -20.13 1.50
N ALA B 33 21.05 -20.86 2.31
CA ALA B 33 21.61 -21.85 3.21
C ALA B 33 22.39 -22.91 2.41
N ASP B 34 21.81 -23.31 1.28
CA ASP B 34 22.47 -24.23 0.35
C ASP B 34 23.84 -23.74 -0.04
N LYS B 35 23.92 -22.49 -0.44
CA LYS B 35 25.17 -21.94 -0.95
C LYS B 35 26.26 -21.77 0.11
N ILE B 36 25.89 -21.73 1.39
CA ILE B 36 26.93 -21.55 2.40
C ILE B 36 27.02 -22.76 3.33
N GLY B 37 26.37 -23.85 2.93
CA GLY B 37 26.46 -25.08 3.69
C GLY B 37 25.83 -25.01 5.07
N ALA B 38 24.78 -24.21 5.20
CA ALA B 38 23.99 -24.15 6.43
C ALA B 38 22.93 -25.26 6.43
N ASN B 39 22.16 -25.36 7.50
CA ASN B 39 21.11 -26.38 7.60
C ASN B 39 19.84 -25.97 6.84
N SER B 40 19.74 -26.37 5.57
CA SER B 40 18.66 -25.88 4.73
C SER B 40 17.28 -26.45 5.08
N LEU B 41 17.20 -27.67 5.63
CA LEU B 41 15.89 -28.19 6.02
C LEU B 41 15.35 -27.42 7.23
N LEU B 42 16.21 -27.20 8.22
CA LEU B 42 15.90 -26.36 9.37
C LEU B 42 15.46 -24.97 8.95
N VAL B 43 16.18 -24.39 8.00
CA VAL B 43 15.87 -23.07 7.50
C VAL B 43 14.45 -23.08 6.90
N ARG B 44 14.19 -24.08 6.08
CA ARG B 44 12.94 -24.21 5.36
C ARG B 44 11.76 -24.29 6.35
N VAL B 45 11.81 -25.27 7.23
CA VAL B 45 10.77 -25.44 8.25
C VAL B 45 10.63 -24.21 9.15
N GLY B 46 11.76 -23.56 9.43
CA GLY B 46 11.75 -22.35 10.25
C GLY B 46 10.95 -21.27 9.56
N CYS B 47 11.16 -21.11 8.27
CA CYS B 47 10.43 -20.12 7.49
C CYS B 47 8.92 -20.38 7.44
N PHE B 48 8.53 -21.66 7.42
CA PHE B 48 7.12 -22.05 7.42
C PHE B 48 6.40 -21.41 8.60
N TYR B 49 7.02 -21.51 9.77
CA TYR B 49 6.40 -21.10 11.02
C TYR B 49 6.80 -19.72 11.53
N HIS B 50 7.75 -19.04 10.87
CA HIS B 50 8.37 -17.88 11.52
C HIS B 50 7.35 -16.79 11.90
N ASP B 51 6.35 -16.58 11.05
CA ASP B 51 5.35 -15.55 11.29
C ASP B 51 4.00 -16.07 11.84
N ILE B 52 4.02 -17.26 12.45
CA ILE B 52 2.78 -17.82 12.97
C ILE B 52 2.06 -16.91 14.01
N GLY B 53 2.81 -16.08 14.72
CA GLY B 53 2.23 -15.14 15.67
C GLY B 53 1.15 -14.26 15.03
N LYS B 54 1.30 -14.00 13.73
CA LYS B 54 0.34 -13.18 13.01
C LYS B 54 -1.06 -13.80 12.94
N THR B 55 -1.15 -15.12 13.14
CA THR B 55 -2.46 -15.78 13.02
C THR B 55 -3.41 -15.37 14.13
N LEU B 56 -2.90 -14.74 15.17
CA LEU B 56 -3.77 -14.24 16.23
C LEU B 56 -4.60 -13.03 15.78
N ARG B 57 -4.08 -12.25 14.83
CA ARG B 57 -4.88 -11.17 14.24
C ARG B 57 -4.44 -10.82 12.82
N PRO B 58 -4.77 -11.71 11.90
CA PRO B 58 -4.33 -11.63 10.50
C PRO B 58 -4.54 -10.28 9.81
N PRO B 59 -5.71 -9.61 9.98
CA PRO B 59 -5.89 -8.38 9.20
C PRO B 59 -4.92 -7.25 9.55
N TYR B 60 -4.21 -7.37 10.67
CA TYR B 60 -3.30 -6.31 11.11
C TYR B 60 -1.90 -6.40 10.51
N PHE B 61 -1.73 -7.33 9.56
CA PHE B 61 -0.45 -7.53 8.89
C PHE B 61 -0.70 -7.43 7.41
N VAL B 62 0.01 -6.50 6.78
CA VAL B 62 -0.37 -5.97 5.48
C VAL B 62 -0.57 -7.05 4.42
N GLU B 63 0.24 -8.11 4.44
CA GLU B 63 0.15 -9.12 3.37
C GLU B 63 -1.19 -9.89 3.40
N ASN B 64 -1.92 -9.78 4.51
CA ASN B 64 -3.24 -10.42 4.60
C ASN B 64 -4.39 -9.50 4.24
N GLN B 65 -4.08 -8.22 3.99
CA GLN B 65 -5.13 -7.24 3.73
C GLN B 65 -5.54 -7.36 2.26
N LEU B 66 -6.82 -7.57 2.00
CA LEU B 66 -7.21 -7.72 0.62
C LEU B 66 -8.30 -6.72 0.21
N GLN B 67 -8.12 -5.43 0.55
CA GLN B 67 -8.69 -4.41 -0.30
C GLN B 67 -7.77 -3.17 -0.33
N GLY B 68 -6.79 -3.05 0.57
CA GLY B 68 -6.24 -1.73 0.87
C GLY B 68 -7.07 -1.25 2.05
N ILE B 69 -7.85 -2.17 2.61
CA ILE B 69 -8.51 -1.96 3.91
C ILE B 69 -7.50 -2.27 5.03
N ASN B 70 -7.09 -1.23 5.75
CA ASN B 70 -6.03 -1.37 6.72
C ASN B 70 -6.54 -0.93 8.07
N PRO B 71 -6.77 -1.89 8.98
CA PRO B 71 -7.25 -1.59 10.33
C PRO B 71 -6.27 -0.73 11.13
N HIS B 72 -5.00 -0.67 10.72
CA HIS B 72 -4.06 0.23 11.39
C HIS B 72 -4.49 1.69 11.22
N ASP B 73 -5.32 1.96 10.21
CA ASP B 73 -5.89 3.31 10.02
C ASP B 73 -6.62 3.80 11.27
N ARG B 74 -7.09 2.87 12.10
CA ARG B 74 -7.86 3.23 13.28
C ARG B 74 -7.02 3.28 14.55
N LEU B 75 -5.71 3.07 14.42
CA LEU B 75 -4.83 2.94 15.57
C LEU B 75 -3.78 4.05 15.58
N THR B 76 -3.27 4.35 16.75
CA THR B 76 -2.13 5.24 16.90
C THR B 76 -0.85 4.43 16.67
N PRO B 77 0.27 5.11 16.37
CA PRO B 77 1.52 4.40 16.10
C PRO B 77 1.91 3.46 17.23
N GLU B 78 1.65 3.84 18.48
CA GLU B 78 2.00 3.00 19.62
C GLU B 78 1.11 1.75 19.71
N GLN B 79 -0.17 1.88 19.35
CA GLN B 79 -1.05 0.70 19.28
C GLN B 79 -0.63 -0.25 18.15
N SER B 80 -0.27 0.33 17.00
CA SER B 80 0.23 -0.48 15.88
C SER B 80 1.49 -1.23 16.31
N ARG B 81 2.41 -0.52 16.96
CA ARG B 81 3.61 -1.12 17.53
C ARG B 81 3.34 -2.33 18.44
N ASP B 82 2.38 -2.16 19.36
CA ASP B 82 2.08 -3.23 20.32
C ASP B 82 1.62 -4.49 19.59
N ILE B 83 0.84 -4.30 18.52
CA ILE B 83 0.34 -5.44 17.75
C ILE B 83 1.45 -6.10 16.95
N ILE B 84 2.24 -5.29 16.24
CA ILE B 84 3.29 -5.86 15.39
C ILE B 84 4.46 -6.44 16.20
N LEU B 85 4.94 -5.73 17.21
CA LEU B 85 6.08 -6.25 17.97
C LEU B 85 5.69 -7.54 18.71
N SER B 86 4.40 -7.72 18.96
CA SER B 86 3.98 -8.93 19.65
C SER B 86 4.11 -10.21 18.81
N HIS B 87 4.19 -10.11 17.47
CA HIS B 87 4.04 -11.33 16.66
C HIS B 87 5.22 -12.31 16.80
N THR B 88 6.41 -11.82 17.17
CA THR B 88 7.54 -12.70 17.46
C THR B 88 7.37 -13.48 18.76
N LYS B 89 7.07 -12.76 19.85
CA LYS B 89 6.82 -13.38 21.15
C LYS B 89 5.62 -14.33 21.11
N ASP B 90 4.53 -13.87 20.49
CA ASP B 90 3.29 -14.66 20.38
C ASP B 90 3.51 -15.94 19.55
N GLY B 91 4.27 -15.80 18.47
CA GLY B 91 4.63 -16.93 17.62
C GLY B 91 5.36 -17.96 18.45
N ALA B 92 6.41 -17.55 19.11
CA ALA B 92 7.18 -18.48 19.92
C ALA B 92 6.28 -19.18 20.96
N GLU B 93 5.39 -18.41 21.56
CA GLU B 93 4.49 -18.94 22.56
C GLU B 93 3.55 -19.98 21.94
N ILE B 94 3.00 -19.70 20.76
CA ILE B 94 2.15 -20.67 20.08
C ILE B 94 2.94 -21.97 19.80
N LEU B 95 4.19 -21.82 19.36
CA LEU B 95 5.00 -22.98 18.99
C LEU B 95 5.36 -23.81 20.23
N LYS B 96 5.59 -23.13 21.36
CA LYS B 96 5.87 -23.76 22.65
C LYS B 96 4.68 -24.54 23.18
N GLU B 97 3.49 -23.94 23.14
CA GLU B 97 2.28 -24.61 23.57
C GLU B 97 1.97 -25.85 22.73
N ASN B 98 2.45 -25.85 21.50
CA ASN B 98 2.28 -27.00 20.61
C ASN B 98 3.53 -27.89 20.52
N HIS B 99 4.49 -27.67 21.42
CA HIS B 99 5.65 -28.54 21.58
C HIS B 99 6.48 -28.74 20.30
N MET B 100 6.65 -27.65 19.55
CA MET B 100 7.47 -27.68 18.34
C MET B 100 8.94 -27.75 18.71
N PRO B 101 9.80 -28.14 17.76
CA PRO B 101 11.23 -28.16 18.09
C PRO B 101 11.78 -26.79 18.49
N GLN B 102 12.66 -26.77 19.49
CA GLN B 102 13.28 -25.51 19.92
C GLN B 102 13.88 -24.68 18.78
N PRO B 103 14.56 -25.31 17.80
CA PRO B 103 15.06 -24.39 16.76
C PRO B 103 13.95 -23.65 15.98
N ILE B 104 12.75 -24.21 15.88
CA ILE B 104 11.65 -23.52 15.19
C ILE B 104 11.05 -22.39 16.05
N ILE B 105 10.92 -22.66 17.35
CA ILE B 105 10.53 -21.68 18.33
C ILE B 105 11.48 -20.47 18.29
N ASP B 106 12.77 -20.76 18.37
CA ASP B 106 13.78 -19.71 18.45
C ASP B 106 13.70 -18.81 17.20
N ILE B 107 13.47 -19.41 16.03
CA ILE B 107 13.32 -18.64 14.79
C ILE B 107 12.12 -17.70 14.82
N ALA B 108 10.98 -18.19 15.32
CA ALA B 108 9.83 -17.32 15.55
C ALA B 108 10.21 -16.12 16.43
N LEU B 109 10.96 -16.36 17.50
CA LEU B 109 11.27 -15.29 18.45
C LEU B 109 12.39 -14.33 17.94
N GLN B 110 13.37 -14.88 17.24
CA GLN B 110 14.57 -14.15 16.87
C GLN B 110 14.64 -13.55 15.47
N HIS B 111 13.67 -13.82 14.60
CA HIS B 111 13.87 -13.52 13.18
C HIS B 111 13.82 -12.03 12.84
N HIS B 112 13.34 -11.19 13.76
CA HIS B 112 13.52 -9.73 13.64
C HIS B 112 14.68 -9.21 14.53
N GLY B 113 15.37 -10.13 15.20
CA GLY B 113 16.39 -9.74 16.18
C GLY B 113 15.87 -8.67 17.15
N THR B 114 16.63 -7.60 17.34
CA THR B 114 16.15 -6.47 18.16
C THR B 114 15.96 -5.22 17.29
N THR B 115 15.57 -5.43 16.03
CA THR B 115 15.49 -4.33 15.08
C THR B 115 14.40 -3.33 15.46
N LEU B 116 14.58 -2.12 14.95
CA LEU B 116 13.64 -1.03 15.14
C LEU B 116 12.45 -1.12 14.18
N LEU B 117 11.24 -1.02 14.72
CA LEU B 117 10.04 -0.91 13.89
C LEU B 117 9.96 0.54 13.36
N LYS B 118 10.63 0.78 12.25
CA LYS B 118 11.03 2.14 11.85
C LYS B 118 9.89 3.07 11.45
N TYR B 119 9.06 2.68 10.48
CA TYR B 119 7.98 3.58 10.03
C TYR B 119 7.13 4.05 11.22
N PHE B 120 6.71 3.11 12.07
CA PHE B 120 5.86 3.49 13.20
C PHE B 120 6.63 4.31 14.22
N TYR B 121 7.92 4.02 14.40
CA TYR B 121 8.73 4.80 15.34
C TYR B 121 8.80 6.25 14.91
N PHE B 122 9.05 6.47 13.62
CA PHE B 122 9.16 7.83 13.07
C PHE B 122 7.81 8.54 12.99
N LYS B 123 6.74 7.79 12.75
CA LYS B 123 5.40 8.34 12.84
C LYS B 123 5.10 8.82 14.28
N ALA B 124 5.44 8.00 15.26
CA ALA B 124 5.25 8.39 16.67
C ALA B 124 6.10 9.61 17.02
N LYS B 125 7.31 9.66 16.47
CA LYS B 125 8.23 10.75 16.75
C LYS B 125 7.72 12.09 16.21
N GLU B 126 6.85 12.02 15.20
CA GLU B 126 6.29 13.22 14.58
C GLU B 126 5.46 14.04 15.57
N THR B 127 4.73 13.40 16.45
CA THR B 127 3.93 14.14 17.42
C THR B 127 4.55 14.13 18.82
N ASN B 128 5.46 13.18 19.06
CA ASN B 128 6.17 13.07 20.33
C ASN B 128 7.68 12.95 20.10
N PRO B 129 8.40 14.08 20.21
CA PRO B 129 9.83 14.18 19.87
C PRO B 129 10.71 13.38 20.83
N ASP B 130 10.19 13.08 22.01
CA ASP B 130 10.92 12.36 23.05
C ASP B 130 10.76 10.84 23.02
N VAL B 131 10.02 10.30 22.05
CA VAL B 131 9.81 8.85 22.00
C VAL B 131 11.16 8.15 21.81
N LYS B 132 11.36 7.03 22.52
CA LYS B 132 12.64 6.35 22.51
C LYS B 132 12.67 5.14 21.57
N GLU B 133 13.72 5.07 20.76
CA GLU B 133 13.98 3.92 19.88
C GLU B 133 13.88 2.58 20.60
N ALA B 134 14.48 2.46 21.78
CA ALA B 134 14.44 1.20 22.53
C ALA B 134 13.01 0.68 22.69
N ASP B 135 12.06 1.60 22.80
CA ASP B 135 10.67 1.22 23.04
C ASP B 135 9.98 0.73 21.75
N TYR B 136 10.64 0.90 20.61
CA TYR B 136 10.06 0.45 19.33
C TYR B 136 10.88 -0.70 18.70
N ARG B 137 11.71 -1.36 19.51
CA ARG B 137 12.54 -2.46 19.04
C ARG B 137 11.94 -3.80 19.43
N TYR B 138 12.07 -4.81 18.57
CA TYR B 138 11.70 -6.18 18.96
C TYR B 138 12.49 -6.62 20.19
N SER B 139 11.92 -7.51 21.00
CA SER B 139 12.57 -7.92 22.25
C SER B 139 13.79 -8.82 21.98
N GLY B 140 13.91 -9.37 20.78
CA GLY B 140 15.02 -10.27 20.53
C GLY B 140 14.83 -11.63 21.19
N PRO B 141 15.93 -12.38 21.38
CA PRO B 141 17.33 -12.00 21.13
C PRO B 141 17.69 -11.80 19.67
N LYS B 142 18.86 -11.21 19.45
CA LYS B 142 19.47 -11.13 18.13
C LYS B 142 19.67 -12.55 17.61
N PRO B 143 19.66 -12.72 16.27
CA PRO B 143 19.88 -14.06 15.70
C PRO B 143 21.09 -14.76 16.32
N GLN B 144 20.84 -15.94 16.89
CA GLN B 144 21.88 -16.68 17.60
C GLN B 144 22.67 -17.67 16.72
N THR B 145 22.19 -17.90 15.51
CA THR B 145 22.81 -18.82 14.55
C THR B 145 22.86 -18.17 13.15
N LYS B 146 23.75 -18.65 12.28
CA LYS B 146 23.77 -18.25 10.86
C LYS B 146 22.42 -18.46 10.13
N GLU B 147 21.76 -19.57 10.45
CA GLU B 147 20.45 -19.89 9.83
C GLU B 147 19.39 -18.81 10.12
N ILE B 148 19.28 -18.40 11.38
CA ILE B 148 18.34 -17.35 11.74
C ILE B 148 18.74 -16.03 11.08
N ALA B 149 20.04 -15.78 10.94
CA ALA B 149 20.50 -14.57 10.24
C ALA B 149 20.10 -14.62 8.76
N ILE B 150 20.26 -15.77 8.14
CA ILE B 150 19.80 -15.96 6.77
C ILE B 150 18.31 -15.63 6.65
N ILE B 151 17.53 -16.18 7.56
CA ILE B 151 16.10 -15.94 7.54
C ILE B 151 15.79 -14.44 7.73
N ASN B 152 16.49 -13.79 8.67
CA ASN B 152 16.26 -12.36 8.88
C ASN B 152 16.44 -11.54 7.59
N ILE B 153 17.52 -11.81 6.85
CA ILE B 153 17.77 -11.12 5.57
C ILE B 153 16.76 -11.49 4.50
N SER B 154 16.54 -12.80 4.30
CA SER B 154 15.64 -13.28 3.26
C SER B 154 14.22 -12.76 3.48
N ASP B 155 13.82 -12.69 4.76
CA ASP B 155 12.51 -12.18 5.15
C ASP B 155 12.33 -10.75 4.70
N SER B 156 13.26 -9.89 5.06
CA SER B 156 13.15 -8.48 4.72
C SER B 156 13.24 -8.22 3.22
N VAL B 157 14.11 -8.95 2.53
CA VAL B 157 14.22 -8.84 1.08
C VAL B 157 12.90 -9.24 0.37
N GLU B 158 12.30 -10.37 0.78
CA GLU B 158 11.01 -10.79 0.18
C GLU B 158 9.95 -9.71 0.38
N ALA B 159 9.81 -9.23 1.61
CA ALA B 159 8.79 -8.23 1.89
C ALA B 159 9.08 -6.92 1.15
N ALA B 160 10.36 -6.55 1.09
CA ALA B 160 10.71 -5.26 0.48
C ALA B 160 10.42 -5.32 -1.02
N VAL B 161 10.78 -6.44 -1.64
CA VAL B 161 10.59 -6.56 -3.08
C VAL B 161 9.09 -6.69 -3.39
N ARG B 162 8.38 -7.51 -2.62
CA ARG B 162 6.93 -7.65 -2.77
C ARG B 162 6.18 -6.30 -2.82
N SER B 163 6.49 -5.39 -1.91
CA SER B 163 5.72 -4.15 -1.83
C SER B 163 6.26 -3.06 -2.76
N SER B 164 7.12 -3.40 -3.70
CA SER B 164 7.62 -2.38 -4.60
C SER B 164 7.06 -2.60 -6.00
N THR B 165 6.89 -1.51 -6.72
CA THR B 165 6.18 -1.53 -7.98
C THR B 165 7.15 -1.58 -9.15
N GLU B 166 7.01 -2.64 -9.95
CA GLU B 166 7.87 -2.91 -11.11
C GLU B 166 9.36 -2.68 -10.83
N PRO B 167 9.93 -3.45 -9.88
CA PRO B 167 11.35 -3.29 -9.57
C PRO B 167 12.26 -3.83 -10.67
N THR B 168 13.27 -3.06 -11.04
CA THR B 168 14.30 -3.55 -11.95
C THR B 168 15.30 -4.40 -11.19
N MET B 169 16.29 -4.95 -11.90
CA MET B 169 17.38 -5.68 -11.24
C MET B 169 18.27 -4.72 -10.43
N ALA B 170 18.35 -3.47 -10.88
CA ALA B 170 19.08 -2.43 -10.18
C ALA B 170 18.41 -2.10 -8.84
N LYS B 171 17.10 -1.95 -8.87
CA LYS B 171 16.34 -1.63 -7.67
C LYS B 171 16.44 -2.76 -6.66
N ILE B 172 16.32 -4.00 -7.14
CA ILE B 172 16.40 -5.17 -6.27
C ILE B 172 17.77 -5.28 -5.59
N THR B 173 18.83 -5.02 -6.36
CA THR B 173 20.17 -4.97 -5.80
C THR B 173 20.31 -3.89 -4.73
N GLU B 174 19.73 -2.72 -4.98
CA GLU B 174 19.78 -1.62 -4.03
C GLU B 174 19.02 -1.95 -2.74
N ILE B 175 17.86 -2.57 -2.88
CA ILE B 175 17.07 -2.99 -1.73
C ILE B 175 17.86 -3.96 -0.86
N ILE B 176 18.41 -5.00 -1.50
CA ILE B 176 19.17 -6.02 -0.80
C ILE B 176 20.39 -5.42 -0.09
N ASP B 177 21.10 -4.53 -0.77
CA ASP B 177 22.27 -3.88 -0.19
C ASP B 177 21.88 -2.97 0.97
N GLY B 178 20.76 -2.28 0.86
CA GLY B 178 20.29 -1.40 1.92
C GLY B 178 19.93 -2.17 3.20
N ILE B 179 19.30 -3.31 3.02
CA ILE B 179 18.92 -4.15 4.15
C ILE B 179 20.16 -4.67 4.87
N ILE B 180 21.13 -5.18 4.10
CA ILE B 180 22.34 -5.74 4.68
C ILE B 180 23.14 -4.68 5.42
N LYS B 181 23.23 -3.49 4.81
CA LYS B 181 23.87 -2.35 5.45
C LYS B 181 23.21 -2.03 6.80
N ASP B 182 21.89 -1.88 6.81
CA ASP B 182 21.17 -1.61 8.06
C ASP B 182 21.45 -2.65 9.15
N ARG B 183 21.41 -3.93 8.77
CA ARG B 183 21.62 -5.01 9.74
C ARG B 183 23.03 -4.98 10.31
N PHE B 184 24.01 -4.68 9.46
CA PHE B 184 25.39 -4.59 9.94
C PHE B 184 25.58 -3.42 10.89
N LEU B 185 25.09 -2.25 10.50
CA LEU B 185 25.32 -1.05 11.27
C LEU B 185 24.53 -1.08 12.58
N ASP B 186 23.43 -1.82 12.60
CA ASP B 186 22.63 -1.91 13.83
C ASP B 186 23.09 -3.09 14.70
N GLY B 187 24.17 -3.74 14.31
CA GLY B 187 24.74 -4.77 15.15
C GLY B 187 23.90 -6.02 15.34
N GLN B 188 23.01 -6.32 14.38
CA GLN B 188 22.06 -7.42 14.53
C GLN B 188 22.72 -8.82 14.46
N PHE B 189 23.87 -8.95 13.81
CA PHE B 189 24.46 -10.28 13.61
C PHE B 189 25.71 -10.53 14.46
N THR B 190 25.90 -9.70 15.48
CA THR B 190 27.11 -9.80 16.30
C THR B 190 27.06 -10.94 17.33
N GLU B 191 25.95 -11.68 17.40
CA GLU B 191 25.85 -12.76 18.38
C GLU B 191 25.81 -14.14 17.72
N CYS B 192 26.01 -14.17 16.41
CA CYS B 192 26.11 -15.43 15.69
C CYS B 192 27.43 -15.45 14.94
N ASP B 193 27.71 -16.56 14.25
CA ASP B 193 29.03 -16.76 13.64
C ASP B 193 29.08 -16.54 12.15
N ILE B 194 28.12 -15.79 11.60
CA ILE B 194 28.10 -15.57 10.17
C ILE B 194 29.31 -14.74 9.74
N THR B 195 29.90 -15.07 8.60
CA THR B 195 31.09 -14.34 8.15
C THR B 195 30.71 -13.27 7.15
N ILE B 196 31.56 -12.27 7.00
CA ILE B 196 31.32 -11.24 5.99
C ILE B 196 31.30 -11.82 4.57
N GLN B 197 32.12 -12.84 4.32
CA GLN B 197 32.09 -13.54 3.04
C GLN B 197 30.76 -14.28 2.79
N GLU B 198 30.26 -14.96 3.83
CA GLU B 198 28.98 -15.64 3.72
C GLU B 198 27.87 -14.63 3.43
N ILE B 199 28.02 -13.41 3.91
CA ILE B 199 27.00 -12.38 3.64
C ILE B 199 27.03 -11.90 2.18
N LYS B 200 28.21 -11.76 1.62
CA LYS B 200 28.31 -11.50 0.17
C LYS B 200 27.64 -12.61 -0.67
N ILE B 201 27.91 -13.86 -0.31
CA ILE B 201 27.27 -15.01 -0.96
C ILE B 201 25.74 -14.98 -0.85
N ILE B 202 25.25 -14.77 0.38
CA ILE B 202 23.81 -14.58 0.60
C ILE B 202 23.26 -13.49 -0.31
N ARG B 203 23.93 -12.34 -0.32
CA ARG B 203 23.49 -11.23 -1.16
C ARG B 203 23.51 -11.58 -2.67
N ASP B 204 24.56 -12.24 -3.13
CA ASP B 204 24.61 -12.64 -4.54
C ASP B 204 23.53 -13.70 -4.83
N THR B 205 23.29 -14.61 -3.89
CA THR B 205 22.32 -15.68 -4.12
C THR B 205 20.91 -15.10 -4.20
N LEU B 206 20.61 -14.15 -3.32
CA LEU B 206 19.29 -13.51 -3.35
C LEU B 206 19.07 -12.79 -4.68
N ILE B 207 20.06 -12.04 -5.15
CA ILE B 207 19.97 -11.33 -6.43
C ILE B 207 19.72 -12.31 -7.61
N ALA B 208 20.50 -13.38 -7.70
CA ALA B 208 20.30 -14.36 -8.77
C ALA B 208 18.91 -14.99 -8.68
N THR B 209 18.51 -15.37 -7.45
CA THR B 209 17.26 -16.07 -7.27
C THR B 209 16.06 -15.19 -7.64
N LEU B 210 16.10 -13.94 -7.20
CA LEU B 210 14.98 -13.03 -7.42
C LEU B 210 14.86 -12.69 -8.88
N ASN B 211 15.99 -12.68 -9.59
CA ASN B 211 16.00 -12.43 -11.03
C ASN B 211 15.24 -13.52 -11.79
N GLY B 212 15.47 -14.78 -11.43
CA GLY B 212 14.63 -15.87 -11.91
C GLY B 212 13.16 -15.63 -11.57
N ILE B 213 12.82 -15.76 -10.29
CA ILE B 213 11.45 -15.60 -9.82
C ILE B 213 10.72 -14.33 -10.35
N TYR B 214 11.44 -13.24 -10.55
CA TYR B 214 10.86 -12.05 -11.20
C TYR B 214 11.32 -11.95 -12.65
FE FE C . -15.06 9.88 -9.00
FE FE D . -13.29 11.16 -6.15
P 2BA E . -13.27 7.94 -6.94
O1P 2BA E . -14.50 8.16 -7.85
O2P 2BA E . -12.93 8.99 -5.89
O5' 2BA E . -11.96 7.78 -7.88
C5' 2BA E . -10.67 7.53 -7.31
C4' 2BA E . -9.70 7.35 -8.47
O4' 2BA E . -8.37 7.40 -7.98
C3' 2BA E . -9.80 5.98 -9.16
O3' 2BA E . -10.80 5.96 -10.18
C2' 2BA E . -8.41 5.77 -9.75
O2' 2BA E . -8.33 6.40 -11.04
C1' 2BA E . -7.52 6.54 -8.77
N9 2BA E . -6.85 5.60 -7.86
C8 2BA E . -7.40 5.02 -6.78
N7 2BA E . -6.51 4.21 -6.15
C5 2BA E . -5.35 4.30 -6.84
C6 2BA E . -4.01 3.70 -6.73
N6 2BA E . -3.73 2.85 -5.70
N1 2BA E . -3.09 4.03 -7.64
C2 2BA E . -3.37 4.89 -8.64
N3 2BA E . -4.57 5.47 -8.82
C4 2BA E . -5.58 5.21 -7.95
P1 2BA E . -11.58 4.58 -10.51
O1P1 2BA E . -10.65 3.41 -10.32
O2P1 2BA E . -12.24 4.89 -11.84
O5'1 2BA E . -12.70 4.43 -9.36
C5'1 2BA E . -13.77 5.36 -9.20
C4'1 2BA E . -14.43 5.11 -7.84
O4'1 2BA E . -14.90 3.78 -7.75
C3'1 2BA E . -13.43 5.23 -6.68
O3'1 2BA E . -13.39 6.55 -6.14
C2'1 2BA E . -13.95 4.27 -5.64
O2'1 2BA E . -15.02 4.91 -4.90
C1'1 2BA E . -14.68 3.22 -6.46
N91 2BA E . -13.90 1.96 -6.62
C81 2BA E . -12.85 1.76 -7.45
N71 2BA E . -12.41 0.47 -7.38
C51 2BA E . -13.20 -0.17 -6.50
C61 2BA E . -13.29 -1.55 -5.97
N61 2BA E . -12.42 -2.51 -6.37
N11 2BA E . -14.26 -1.80 -5.08
C21 2BA E . -15.12 -0.85 -4.67
N31 2BA E . -15.11 0.42 -5.10
C41 2BA E . -14.18 0.81 -6.00
FE FE F . 7.98 -11.37 11.08
FE FE G . 8.09 -12.62 7.74
P 2BA H . 7.07 -9.53 8.41
O1P 2BA H . 6.89 -9.97 9.84
O2P 2BA H . 7.22 -10.57 7.31
O5' 2BA H . 8.38 -8.58 8.37
C5' 2BA H . 8.90 -8.18 7.11
C4' 2BA H . 10.10 -7.29 7.39
O4' 2BA H . 10.68 -6.92 6.14
C3' 2BA H . 9.73 -5.95 8.03
O3' 2BA H . 9.66 -6.08 9.44
C2' 2BA H . 10.89 -5.06 7.61
O2' 2BA H . 11.97 -5.26 8.52
C1' 2BA H . 11.30 -5.64 6.26
N9 2BA H . 10.81 -4.77 5.19
C8 2BA H . 9.54 -4.66 4.74
N7 2BA H . 9.47 -3.74 3.75
C5 2BA H . 10.71 -3.23 3.58
C6 2BA H . 11.34 -2.21 2.71
N6 2BA H . 10.61 -1.53 1.80
N1 2BA H . 12.67 -2.00 2.85
C2 2BA H . 13.42 -2.67 3.75
N3 2BA H . 12.91 -3.60 4.58
C4 2BA H . 11.59 -3.91 4.53
P1 2BA H . 8.75 -5.07 10.32
O1P1 2BA H . 8.78 -3.69 9.70
O2P1 2BA H . 9.11 -5.31 11.76
O5'1 2BA H . 7.27 -5.63 10.12
C5'1 2BA H . 6.78 -6.82 10.73
C4'1 2BA H . 5.49 -7.24 10.03
O4'1 2BA H . 4.51 -6.25 10.34
C3'1 2BA H . 5.54 -7.30 8.49
O3'1 2BA H . 5.86 -8.56 7.91
C2'1 2BA H . 4.08 -7.00 8.15
O2'1 2BA H . 3.32 -8.22 8.21
C1'1 2BA H . 3.59 -6.10 9.26
N91 2BA H . 3.68 -4.67 8.91
C81 2BA H . 4.81 -3.93 8.81
N71 2BA H . 4.57 -2.64 8.46
C51 2BA H . 3.23 -2.55 8.31
C61 2BA H . 2.27 -1.47 7.95
N61 2BA H . 2.74 -0.22 7.68
N11 2BA H . 0.97 -1.77 7.93
C21 2BA H . 0.50 -3.02 8.19
N31 2BA H . 1.30 -4.06 8.51
C41 2BA H . 2.64 -3.88 8.60
#